data_8K5V
#
_entry.id   8K5V
#
_cell.length_a   91.040
_cell.length_b   73.820
_cell.length_c   77.680
_cell.angle_alpha   90.00
_cell.angle_beta   104.21
_cell.angle_gamma   90.00
#
_symmetry.space_group_name_H-M   'C 1 2 1'
#
loop_
_entity.id
_entity.type
_entity.pdbx_description
1 polymer 'Matrix metalloproteinase-9'
2 non-polymer 'ZINC ION'
3 non-polymer 'CALCIUM ION'
4 non-polymer 6,7-dihydro-4H-[1,3]oxazolo[4,5-c]pyridin-5-yl-(7-ethyl-2H-indazol-3-yl)methanone
5 non-polymer 'DIHYDROGENPHOSPHATE ION'
6 water water
#
_entity_poly.entity_id   1
_entity_poly.type   'polypeptide(L)'
_entity_poly.pdbx_seq_one_letter_code
;MVLFPGDLRTNLTDRQLAEEYLYRYGYTRVAEMRGESKSLGPALLLLQKQLSLPETGELDSATLKAMRTPRCGVPDLGRF
QTFEGDLKWHHHNITYWIQNYSEDLPRAVIDDAFARAFALWSAVTPLTFTRVYSRDADIVIQFGVAEHGDGYPFDGKDGL
LAHAFPPGPGIQGDAHFDDDELWSLGKGQGYSLFLVAAHEFGHALGLDHSSVPEALMYPMYRFTEGPPLHKDDVNGIRHL
YG
;
_entity_poly.pdbx_strand_id   A,B
#
# COMPACT_ATOMS: atom_id res chain seq x y z
N ASN A 11 13.25 11.38 34.06
CA ASN A 11 14.00 12.55 34.62
C ASN A 11 15.51 12.24 34.69
N LEU A 12 16.04 11.55 33.66
CA LEU A 12 17.51 11.48 33.40
C LEU A 12 17.95 12.85 32.88
N THR A 13 19.22 13.24 33.07
CA THR A 13 19.78 14.38 32.30
C THR A 13 19.79 14.03 30.80
N ASP A 14 19.95 15.03 29.94
CA ASP A 14 20.11 14.84 28.48
C ASP A 14 21.29 13.90 28.26
N ARG A 15 22.38 14.06 29.01
CA ARG A 15 23.63 13.26 28.86
C ARG A 15 23.33 11.80 29.19
N GLN A 16 22.60 11.56 30.27
CA GLN A 16 22.18 10.21 30.70
C GLN A 16 21.25 9.53 29.68
N LEU A 17 20.25 10.24 29.19
CA LEU A 17 19.36 9.71 28.13
C LEU A 17 20.24 9.26 26.95
N ALA A 18 21.22 10.07 26.54
CA ALA A 18 22.10 9.77 25.39
C ALA A 18 22.90 8.49 25.63
N GLU A 19 23.53 8.34 26.81
CA GLU A 19 24.29 7.14 27.20
C GLU A 19 23.36 5.91 27.16
N GLU A 20 22.12 6.02 27.67
CA GLU A 20 21.19 4.86 27.71
C GLU A 20 20.73 4.50 26.29
N TYR A 21 20.43 5.50 25.45
CA TYR A 21 19.97 5.26 24.06
C TYR A 21 21.10 4.55 23.27
N LEU A 22 22.31 5.06 23.35
CA LEU A 22 23.51 4.49 22.66
C LEU A 22 23.75 3.07 23.16
N TYR A 23 23.51 2.76 24.43
CA TYR A 23 23.74 1.36 24.92
C TYR A 23 22.65 0.43 24.37
N ARG A 24 21.40 0.77 24.60
CA ARG A 24 20.23 -0.05 24.27
C ARG A 24 20.23 -0.41 22.78
N TYR A 25 20.53 0.52 21.86
CA TYR A 25 20.31 0.24 20.42
C TYR A 25 21.58 -0.30 19.74
N GLY A 26 22.69 -0.49 20.48
CA GLY A 26 23.88 -1.22 20.00
C GLY A 26 25.08 -0.36 19.66
N TYR A 27 24.99 0.97 19.76
CA TYR A 27 26.08 1.90 19.33
C TYR A 27 27.32 1.82 20.25
N THR A 28 27.12 1.75 21.57
CA THR A 28 28.23 1.70 22.55
C THR A 28 29.08 0.44 22.29
N ARG A 29 28.43 -0.70 22.09
CA ARG A 29 29.15 -1.99 21.84
C ARG A 29 30.01 -1.86 20.57
N VAL A 30 29.48 -1.30 19.48
CA VAL A 30 30.31 -1.09 18.24
C VAL A 30 31.47 -0.15 18.54
N ALA A 31 31.25 0.95 19.28
CA ALA A 31 32.34 1.87 19.68
C ALA A 31 33.42 1.10 20.50
N GLU A 32 33.02 0.22 21.41
CA GLU A 32 33.98 -0.61 22.19
C GLU A 32 34.84 -1.47 21.23
N MET A 33 34.24 -2.08 20.20
CA MET A 33 34.97 -2.93 19.22
C MET A 33 35.94 -2.09 18.38
N ARG A 34 35.83 -0.76 18.38
CA ARG A 34 36.73 0.16 17.64
C ARG A 34 37.66 0.92 18.58
N GLY A 35 37.74 0.51 19.85
CA GLY A 35 38.65 1.08 20.86
C GLY A 35 38.27 2.49 21.28
N GLU A 36 37.01 2.91 21.09
CA GLU A 36 36.61 4.36 21.14
C GLU A 36 35.35 4.55 21.98
N SER A 37 35.24 3.87 23.13
CA SER A 37 34.06 4.00 24.02
C SER A 37 34.35 4.88 25.26
N LYS A 38 35.59 5.34 25.44
CA LYS A 38 36.05 6.35 26.46
C LYS A 38 35.25 7.67 26.48
N SER A 39 34.82 8.21 25.34
CA SER A 39 34.02 9.46 25.19
C SER A 39 32.85 9.25 24.21
N LEU A 40 31.87 10.16 24.20
CA LEU A 40 30.56 9.99 23.50
C LEU A 40 30.68 10.14 21.99
N GLY A 41 31.66 10.89 21.49
CA GLY A 41 31.69 11.39 20.10
C GLY A 41 31.64 10.29 19.04
N PRO A 42 32.49 9.24 19.12
CA PRO A 42 32.45 8.18 18.13
C PRO A 42 31.11 7.44 18.04
N ALA A 43 30.47 7.16 19.17
CA ALA A 43 29.18 6.46 19.21
C ALA A 43 28.10 7.38 18.58
N LEU A 44 28.16 8.68 18.86
CA LEU A 44 27.22 9.68 18.27
C LEU A 44 27.37 9.69 16.76
N LEU A 45 28.59 9.62 16.23
CA LEU A 45 28.79 9.59 14.75
C LEU A 45 28.14 8.33 14.16
N LEU A 46 28.27 7.19 14.82
CA LEU A 46 27.68 5.91 14.33
C LEU A 46 26.16 6.05 14.27
N LEU A 47 25.56 6.62 15.30
CA LEU A 47 24.10 6.85 15.38
C LEU A 47 23.64 7.84 14.28
N GLN A 48 24.38 8.94 14.09
CA GLN A 48 24.05 9.95 13.07
C GLN A 48 24.06 9.33 11.66
N LYS A 49 25.06 8.51 11.33
CA LYS A 49 25.12 7.81 10.02
C LYS A 49 23.90 6.87 9.92
N GLN A 50 23.65 6.09 10.96
CA GLN A 50 22.58 5.05 10.96
C GLN A 50 21.20 5.70 10.84
N LEU A 51 20.96 6.90 11.40
CA LEU A 51 19.63 7.58 11.35
C LEU A 51 19.55 8.67 10.27
N SER A 52 20.60 8.87 9.45
CA SER A 52 20.67 9.91 8.40
C SER A 52 20.50 11.30 9.01
N LEU A 53 21.16 11.56 10.14
CA LEU A 53 21.32 12.92 10.72
C LEU A 53 22.64 13.51 10.25
N PRO A 54 22.82 14.85 10.36
CA PRO A 54 24.13 15.45 10.06
C PRO A 54 25.20 14.84 10.98
N GLU A 55 26.33 14.48 10.39
CA GLU A 55 27.41 13.68 11.05
C GLU A 55 28.42 14.61 11.74
N THR A 56 28.06 15.16 12.89
CA THR A 56 28.84 16.16 13.67
C THR A 56 29.66 15.48 14.76
N GLY A 57 29.26 14.30 15.25
CA GLY A 57 29.87 13.69 16.44
C GLY A 57 29.63 14.45 17.73
N GLU A 58 28.58 15.28 17.79
CA GLU A 58 28.23 16.08 19.00
C GLU A 58 26.82 15.71 19.45
N LEU A 59 26.55 15.84 20.75
CA LEU A 59 25.19 15.77 21.32
C LEU A 59 24.53 17.13 21.06
N ASP A 60 24.13 17.33 19.78
CA ASP A 60 23.49 18.55 19.25
C ASP A 60 21.94 18.42 19.29
N SER A 61 21.23 19.46 18.87
CA SER A 61 19.76 19.57 18.97
C SER A 61 19.08 18.47 18.13
N ALA A 62 19.53 18.25 16.90
CA ALA A 62 18.98 17.21 15.98
C ALA A 62 19.13 15.82 16.64
N THR A 63 20.27 15.56 17.26
CA THR A 63 20.59 14.22 17.86
C THR A 63 19.74 14.02 19.11
N LEU A 64 19.67 15.01 20.02
CA LEU A 64 18.80 14.89 21.22
C LEU A 64 17.31 14.77 20.83
N LYS A 65 16.87 15.51 19.83
CA LYS A 65 15.46 15.41 19.36
C LYS A 65 15.20 13.98 18.85
N ALA A 66 16.15 13.42 18.10
CA ALA A 66 16.06 12.03 17.57
C ALA A 66 15.95 11.07 18.77
N MET A 67 16.79 11.22 19.79
CA MET A 67 16.84 10.33 20.96
C MET A 67 15.54 10.40 21.79
N ARG A 68 14.83 11.52 21.78
CA ARG A 68 13.59 11.70 22.56
C ARG A 68 12.39 11.20 21.74
N THR A 69 12.58 10.74 20.51
CA THR A 69 11.46 10.39 19.60
C THR A 69 11.05 8.94 19.85
N PRO A 70 9.75 8.67 20.06
CA PRO A 70 9.23 7.31 20.19
C PRO A 70 9.67 6.42 19.03
N ARG A 71 10.01 5.16 19.33
CA ARG A 71 10.61 4.29 18.28
C ARG A 71 10.42 2.83 18.62
N CYS A 72 10.87 2.00 17.69
CA CYS A 72 10.92 0.53 17.79
C CYS A 72 11.97 0.08 18.83
N GLY A 73 11.66 -0.96 19.59
CA GLY A 73 12.60 -1.49 20.59
C GLY A 73 13.63 -2.46 20.02
N VAL A 74 13.63 -2.75 18.72
CA VAL A 74 14.68 -3.65 18.15
C VAL A 74 16.00 -2.85 18.04
N PRO A 75 17.16 -3.44 18.38
CA PRO A 75 18.43 -2.73 18.22
C PRO A 75 18.75 -2.44 16.77
N ASP A 76 19.62 -1.46 16.52
CA ASP A 76 19.97 -0.97 15.15
C ASP A 76 21.24 -1.67 14.67
N LEU A 77 22.18 -1.89 15.56
CA LEU A 77 23.45 -2.57 15.25
C LEU A 77 23.48 -3.74 16.23
N GLY A 78 23.27 -4.97 15.72
CA GLY A 78 23.05 -6.16 16.58
C GLY A 78 21.60 -6.61 16.61
N PHE A 80 23.99 -9.14 20.60
CA PHE A 80 24.55 -10.36 21.23
C PHE A 80 23.50 -11.50 21.29
N GLN A 81 22.29 -11.26 20.79
CA GLN A 81 21.16 -12.23 20.68
C GLN A 81 21.36 -13.14 19.47
N THR A 82 21.78 -14.37 19.70
CA THR A 82 21.88 -15.44 18.66
C THR A 82 20.47 -15.99 18.44
N PHE A 83 20.06 -16.12 17.18
CA PHE A 83 18.80 -16.76 16.73
C PHE A 83 19.16 -18.03 15.97
N GLU A 84 18.19 -18.94 15.78
CA GLU A 84 18.36 -20.21 15.01
C GLU A 84 17.99 -19.97 13.53
N GLY A 85 18.74 -20.59 12.62
CA GLY A 85 18.48 -20.65 11.16
C GLY A 85 18.93 -19.40 10.45
N ASP A 86 18.52 -19.23 9.20
CA ASP A 86 19.04 -18.16 8.30
C ASP A 86 18.15 -16.89 8.33
N LEU A 87 17.10 -16.85 9.17
CA LEU A 87 16.26 -15.64 9.41
C LEU A 87 15.40 -15.28 8.18
N LYS A 88 14.97 -16.26 7.40
CA LYS A 88 13.88 -16.07 6.41
C LYS A 88 12.90 -17.25 6.58
N TRP A 89 11.63 -17.07 6.23
CA TRP A 89 10.66 -18.19 6.23
C TRP A 89 10.97 -19.14 5.07
N HIS A 90 10.67 -20.43 5.22
CA HIS A 90 10.90 -21.48 4.20
C HIS A 90 9.58 -22.17 3.80
N HIS A 91 8.42 -21.52 4.02
CA HIS A 91 7.10 -21.94 3.52
C HIS A 91 6.34 -20.68 3.13
N HIS A 92 5.30 -20.78 2.31
CA HIS A 92 4.58 -19.63 1.70
C HIS A 92 3.41 -19.18 2.57
N ASN A 93 2.77 -20.07 3.34
CA ASN A 93 1.53 -19.66 4.04
C ASN A 93 1.89 -19.33 5.49
N ILE A 94 2.08 -18.05 5.80
CA ILE A 94 2.52 -17.64 7.16
C ILE A 94 1.23 -17.50 7.97
N THR A 95 1.16 -18.13 9.13
CA THR A 95 -0.03 -18.03 9.99
C THR A 95 0.27 -17.08 11.15
N TYR A 96 -0.79 -16.48 11.70
CA TYR A 96 -0.67 -15.54 12.84
C TYR A 96 -1.82 -15.78 13.82
N TRP A 97 -1.51 -15.68 15.11
CA TRP A 97 -2.49 -15.78 16.22
C TRP A 97 -2.44 -14.51 17.06
N ILE A 98 -3.60 -13.87 17.26
CA ILE A 98 -3.74 -12.72 18.18
C ILE A 98 -3.99 -13.32 19.57
N GLN A 99 -2.96 -13.44 20.39
CA GLN A 99 -3.02 -14.19 21.67
C GLN A 99 -3.89 -13.44 22.68
N ASN A 100 -3.79 -12.11 22.75
CA ASN A 100 -4.54 -11.31 23.75
C ASN A 100 -4.76 -9.91 23.17
N TYR A 101 -5.53 -9.11 23.88
CA TYR A 101 -6.04 -7.82 23.38
C TYR A 101 -5.73 -6.71 24.39
N SER A 102 -5.33 -5.55 23.87
CA SER A 102 -5.37 -4.28 24.61
C SER A 102 -6.84 -3.93 24.77
N GLU A 103 -7.21 -3.34 25.89
CA GLU A 103 -8.58 -2.80 26.14
C GLU A 103 -8.71 -1.41 25.52
N ASP A 104 -7.66 -0.84 24.91
CA ASP A 104 -7.70 0.56 24.39
C ASP A 104 -8.63 0.66 23.17
N LEU A 105 -8.88 -0.42 22.42
CA LEU A 105 -9.70 -0.40 21.17
C LEU A 105 -10.67 -1.61 21.18
N PRO A 106 -11.76 -1.58 20.40
CA PRO A 106 -12.62 -2.76 20.20
C PRO A 106 -11.87 -3.91 19.53
N ARG A 107 -12.16 -5.16 19.90
CA ARG A 107 -11.44 -6.33 19.30
C ARG A 107 -11.50 -6.30 17.77
N ALA A 108 -12.62 -5.89 17.14
CA ALA A 108 -12.77 -5.95 15.67
C ALA A 108 -11.84 -4.92 15.00
N VAL A 109 -11.61 -3.79 15.67
CA VAL A 109 -10.70 -2.72 15.16
C VAL A 109 -9.24 -3.20 15.27
N ILE A 110 -8.87 -3.91 16.34
CA ILE A 110 -7.52 -4.51 16.53
C ILE A 110 -7.28 -5.58 15.44
N ASP A 111 -8.21 -6.50 15.27
CA ASP A 111 -8.16 -7.57 14.22
C ASP A 111 -7.97 -6.94 12.84
N ASP A 112 -8.74 -5.91 12.52
CA ASP A 112 -8.68 -5.25 11.19
C ASP A 112 -7.34 -4.50 11.01
N ALA A 113 -6.82 -3.82 12.05
CA ALA A 113 -5.50 -3.12 12.00
C ALA A 113 -4.39 -4.13 11.62
N PHE A 114 -4.37 -5.29 12.26
CA PHE A 114 -3.35 -6.33 11.94
C PHE A 114 -3.56 -6.89 10.52
N ALA A 115 -4.82 -7.12 10.09
CA ALA A 115 -5.15 -7.70 8.77
C ALA A 115 -4.71 -6.72 7.68
N ARG A 116 -4.94 -5.42 7.90
CA ARG A 116 -4.52 -4.34 6.96
C ARG A 116 -2.98 -4.28 6.91
N ALA A 117 -2.30 -4.44 8.04
CA ALA A 117 -0.81 -4.42 8.08
C ALA A 117 -0.26 -5.62 7.28
N PHE A 118 -0.87 -6.81 7.40
CA PHE A 118 -0.43 -7.99 6.60
C PHE A 118 -0.71 -7.79 5.10
N ALA A 119 -1.88 -7.23 4.75
CA ALA A 119 -2.28 -6.91 3.33
C ALA A 119 -1.23 -6.03 2.63
N LEU A 120 -0.61 -5.11 3.36
CA LEU A 120 0.46 -4.24 2.82
C LEU A 120 1.61 -5.11 2.28
N TRP A 121 2.07 -6.09 3.06
CA TRP A 121 3.23 -6.94 2.70
C TRP A 121 2.82 -8.01 1.69
N SER A 122 1.57 -8.47 1.76
CA SER A 122 1.07 -9.57 0.91
C SER A 122 1.23 -9.19 -0.57
N ALA A 123 0.91 -7.94 -0.95
CA ALA A 123 0.90 -7.53 -2.35
C ALA A 123 2.35 -7.59 -2.92
N VAL A 124 3.39 -7.40 -2.08
CA VAL A 124 4.79 -7.23 -2.61
C VAL A 124 5.71 -8.43 -2.29
N THR A 125 5.18 -9.57 -1.84
CA THR A 125 5.96 -10.76 -1.39
C THR A 125 5.24 -12.01 -1.92
N PRO A 126 5.92 -13.15 -2.17
CA PRO A 126 5.20 -14.37 -2.52
C PRO A 126 4.56 -15.08 -1.33
N LEU A 127 4.51 -14.44 -0.16
CA LEU A 127 3.90 -15.02 1.06
C LEU A 127 2.43 -14.65 1.14
N THR A 128 1.65 -15.49 1.81
CA THR A 128 0.25 -15.18 2.22
C THR A 128 0.20 -15.17 3.73
N PHE A 129 -0.78 -14.48 4.30
CA PHE A 129 -0.94 -14.34 5.76
C PHE A 129 -2.36 -14.76 6.13
N THR A 130 -2.48 -15.79 6.96
CA THR A 130 -3.84 -16.30 7.34
C THR A 130 -3.97 -16.30 8.86
N ARG A 131 -5.08 -15.76 9.36
CA ARG A 131 -5.37 -15.78 10.82
C ARG A 131 -5.74 -17.21 11.29
N VAL A 132 -5.14 -17.63 12.39
CA VAL A 132 -5.49 -18.92 13.05
C VAL A 132 -5.79 -18.64 14.53
N TYR A 133 -6.24 -19.69 15.21
CA TYR A 133 -6.44 -19.69 16.68
C TYR A 133 -5.65 -20.85 17.25
N SER A 134 -4.34 -20.68 17.39
CA SER A 134 -3.41 -21.77 17.77
C SER A 134 -2.09 -21.19 18.28
N ARG A 135 -1.54 -21.78 19.35
CA ARG A 135 -0.21 -21.46 19.95
C ARG A 135 0.95 -21.69 18.97
N ASP A 136 0.77 -22.51 17.91
CA ASP A 136 1.87 -22.90 16.98
C ASP A 136 1.81 -22.07 15.68
N ALA A 137 0.95 -21.07 15.60
CA ALA A 137 1.02 -20.05 14.53
C ALA A 137 2.50 -19.65 14.34
N ASP A 138 2.90 -19.21 13.15
CA ASP A 138 4.29 -18.69 12.91
C ASP A 138 4.49 -17.37 13.72
N ILE A 139 3.55 -16.45 13.60
CA ILE A 139 3.60 -15.07 14.17
C ILE A 139 2.58 -15.01 15.30
N VAL A 140 3.07 -15.13 16.53
CA VAL A 140 2.27 -14.90 17.76
C VAL A 140 2.33 -13.41 18.09
N ILE A 141 1.15 -12.79 18.18
CA ILE A 141 0.95 -11.36 18.51
C ILE A 141 0.53 -11.26 19.99
N GLN A 142 1.23 -10.43 20.76
CA GLN A 142 0.93 -10.25 22.21
C GLN A 142 1.03 -8.77 22.56
N PHE A 143 0.14 -8.32 23.45
CA PHE A 143 0.25 -7.04 24.19
C PHE A 143 0.84 -7.34 25.58
N GLY A 144 1.83 -6.56 26.04
CA GLY A 144 2.54 -6.78 27.32
C GLY A 144 3.04 -5.50 27.97
N VAL A 145 3.30 -5.52 29.29
CA VAL A 145 3.86 -4.36 30.05
C VAL A 145 5.13 -4.82 30.75
N ALA A 146 6.15 -3.94 30.77
CA ALA A 146 7.42 -4.18 31.48
C ALA A 146 7.89 -5.60 31.15
N GLU A 147 8.21 -6.44 32.15
CA GLU A 147 8.70 -7.82 31.88
C GLU A 147 7.49 -8.71 31.59
N HIS A 148 7.40 -9.20 30.36
CA HIS A 148 6.19 -9.84 29.77
C HIS A 148 6.53 -11.24 29.27
N GLY A 149 7.66 -11.81 29.70
CA GLY A 149 7.96 -13.25 29.56
C GLY A 149 9.07 -13.54 28.59
N ASP A 150 9.81 -12.54 28.07
CA ASP A 150 10.90 -12.87 27.12
C ASP A 150 12.25 -12.24 27.50
N GLY A 151 12.36 -11.56 28.65
CA GLY A 151 13.64 -10.96 29.06
C GLY A 151 14.07 -9.76 28.23
N TYR A 152 13.17 -9.21 27.40
CA TYR A 152 13.35 -7.90 26.72
C TYR A 152 12.24 -6.98 27.21
N PRO A 153 12.35 -6.48 28.45
CA PRO A 153 11.23 -5.80 29.08
C PRO A 153 10.94 -4.48 28.37
N PHE A 154 9.67 -4.08 28.36
CA PHE A 154 9.21 -2.76 27.89
C PHE A 154 9.52 -1.72 28.98
N ASP A 155 9.24 -0.45 28.73
CA ASP A 155 9.87 0.67 29.49
C ASP A 155 8.82 1.67 29.99
N GLY A 156 7.54 1.31 30.02
CA GLY A 156 6.44 2.19 30.43
C GLY A 156 6.06 3.13 29.29
N LYS A 157 5.33 4.20 29.57
CA LYS A 157 4.77 5.07 28.50
C LYS A 157 5.89 5.74 27.65
N ASP A 158 5.65 5.87 26.36
CA ASP A 158 6.58 6.42 25.33
C ASP A 158 7.91 5.64 25.30
N GLY A 159 8.97 6.25 24.77
CA GLY A 159 10.23 5.54 24.48
C GLY A 159 9.98 4.44 23.46
N LEU A 160 10.28 3.19 23.79
CA LEU A 160 10.05 2.08 22.82
C LEU A 160 8.59 1.64 22.84
N LEU A 161 8.03 1.38 21.65
CA LEU A 161 6.57 1.13 21.46
C LEU A 161 6.26 -0.36 21.30
N ALA A 162 7.23 -1.19 20.89
CA ALA A 162 6.95 -2.54 20.38
C ALA A 162 8.27 -3.16 19.91
N HIS A 163 8.30 -4.48 19.73
CA HIS A 163 9.46 -5.19 19.13
C HIS A 163 8.98 -6.50 18.50
N ALA A 164 9.88 -7.12 17.74
CA ALA A 164 9.56 -8.33 16.97
C ALA A 164 10.87 -9.05 16.68
N PHE A 165 10.73 -10.34 16.39
CA PHE A 165 11.85 -11.29 16.24
C PHE A 165 11.87 -11.75 14.79
N PRO A 166 13.08 -12.01 14.23
CA PRO A 166 13.18 -12.48 12.87
C PRO A 166 12.63 -13.89 12.69
N PRO A 167 12.32 -14.27 11.42
CA PRO A 167 11.76 -15.58 11.10
C PRO A 167 12.56 -16.73 11.72
N GLY A 168 11.85 -17.81 12.04
CA GLY A 168 12.40 -19.01 12.69
C GLY A 168 11.39 -19.64 13.65
N PRO A 169 11.83 -20.64 14.45
CA PRO A 169 10.91 -21.33 15.37
C PRO A 169 10.64 -20.60 16.70
N GLY A 170 9.56 -21.02 17.38
CA GLY A 170 9.17 -20.52 18.71
C GLY A 170 8.99 -19.01 18.71
N ILE A 171 9.74 -18.32 19.55
CA ILE A 171 9.63 -16.84 19.71
C ILE A 171 10.00 -16.13 18.41
N GLN A 172 10.79 -16.75 17.54
CA GLN A 172 11.20 -16.13 16.25
C GLN A 172 9.93 -15.89 15.43
N GLY A 173 9.83 -14.73 14.77
CA GLY A 173 8.62 -14.31 14.05
C GLY A 173 7.56 -13.65 14.92
N ASP A 174 7.65 -13.66 16.23
CA ASP A 174 6.55 -13.08 17.07
C ASP A 174 6.64 -11.53 17.13
N ALA A 175 5.52 -10.88 17.40
CA ALA A 175 5.41 -9.41 17.50
C ALA A 175 4.75 -9.04 18.84
N HIS A 176 5.38 -8.17 19.63
CA HIS A 176 4.85 -7.71 20.94
C HIS A 176 4.69 -6.19 20.92
N PHE A 177 3.56 -5.71 21.48
CA PHE A 177 3.17 -4.29 21.55
C PHE A 177 3.13 -3.86 23.03
N ASP A 178 3.75 -2.73 23.34
CA ASP A 178 3.85 -2.19 24.73
C ASP A 178 2.49 -1.61 25.12
N ASP A 179 1.77 -2.27 26.06
CA ASP A 179 0.41 -1.79 26.41
C ASP A 179 0.45 -0.70 27.49
N ASP A 180 1.62 -0.23 27.95
CA ASP A 180 1.71 1.07 28.67
C ASP A 180 1.53 2.21 27.64
N GLU A 181 1.55 1.93 26.32
CA GLU A 181 1.20 2.96 25.29
C GLU A 181 -0.31 3.03 25.14
N LEU A 182 -0.86 4.17 24.72
CA LEU A 182 -2.28 4.25 24.27
C LEU A 182 -2.33 3.87 22.80
N TRP A 183 -3.00 2.76 22.48
CA TRP A 183 -3.15 2.31 21.06
C TRP A 183 -4.41 2.90 20.46
N SER A 184 -4.26 3.51 19.30
CA SER A 184 -5.40 4.07 18.53
C SER A 184 -5.15 3.77 17.05
N LEU A 185 -5.76 4.54 16.17
CA LEU A 185 -5.35 4.55 14.74
C LEU A 185 -4.49 5.80 14.44
N GLY A 186 -3.95 6.45 15.47
CA GLY A 186 -2.93 7.53 15.30
C GLY A 186 -3.56 8.91 15.20
N LYS A 187 -4.89 8.98 15.22
CA LYS A 187 -5.66 10.24 15.11
C LYS A 187 -6.17 10.62 16.51
N GLY A 188 -5.94 11.87 16.91
CA GLY A 188 -6.40 12.54 18.14
C GLY A 188 -5.42 12.35 19.29
N GLN A 189 -5.45 11.16 19.90
CA GLN A 189 -4.45 10.71 20.91
C GLN A 189 -4.02 9.28 20.52
N GLY A 190 -2.79 8.91 20.88
CA GLY A 190 -2.32 7.53 20.82
C GLY A 190 -1.50 7.24 19.56
N TYR A 191 -0.83 6.09 19.54
CA TYR A 191 -0.01 5.57 18.41
C TYR A 191 -0.89 4.73 17.49
N SER A 192 -0.72 4.86 16.17
CA SER A 192 -1.40 3.98 15.19
C SER A 192 -0.91 2.54 15.35
N LEU A 193 -1.81 1.63 15.75
CA LEU A 193 -1.53 0.19 15.84
C LEU A 193 -1.23 -0.34 14.43
N PHE A 194 -1.93 0.19 13.41
CA PHE A 194 -1.76 -0.22 11.99
C PHE A 194 -0.31 0.08 11.56
N LEU A 195 0.18 1.30 11.77
CA LEU A 195 1.56 1.68 11.32
C LEU A 195 2.61 0.91 12.10
N VAL A 196 2.49 0.81 13.44
CA VAL A 196 3.49 0.09 14.28
C VAL A 196 3.49 -1.40 13.93
N ALA A 197 2.31 -2.01 13.75
CA ALA A 197 2.18 -3.42 13.30
C ALA A 197 2.89 -3.59 11.94
N ALA A 198 2.62 -2.73 10.96
CA ALA A 198 3.25 -2.89 9.62
C ALA A 198 4.78 -2.88 9.75
N HIS A 199 5.37 -1.98 10.55
CA HIS A 199 6.84 -1.95 10.82
C HIS A 199 7.30 -3.27 11.47
N GLU A 200 6.63 -3.71 12.54
CA GLU A 200 7.05 -4.91 13.32
C GLU A 200 6.92 -6.17 12.46
N PHE A 201 5.89 -6.25 11.61
CA PHE A 201 5.67 -7.40 10.69
C PHE A 201 6.82 -7.45 9.67
N GLY A 202 7.37 -6.30 9.29
CA GLY A 202 8.61 -6.29 8.48
C GLY A 202 9.72 -7.11 9.10
N HIS A 203 10.02 -6.88 10.38
CA HIS A 203 11.03 -7.65 11.14
C HIS A 203 10.65 -9.14 11.15
N ALA A 204 9.37 -9.44 11.40
CA ALA A 204 8.85 -10.83 11.45
C ALA A 204 8.99 -11.52 10.08
N LEU A 205 9.20 -10.77 8.99
CA LEU A 205 9.48 -11.35 7.64
C LEU A 205 10.99 -11.43 7.37
N GLY A 206 11.83 -10.82 8.19
CA GLY A 206 13.31 -10.86 8.09
C GLY A 206 13.96 -9.52 7.71
N LEU A 207 13.24 -8.40 7.75
CA LEU A 207 13.86 -7.08 7.38
C LEU A 207 14.48 -6.43 8.63
N ASP A 208 15.60 -5.73 8.43
N ASP A 208 15.58 -5.71 8.39
CA ASP A 208 16.22 -4.87 9.48
CA ASP A 208 16.33 -4.89 9.39
C ASP A 208 15.78 -3.42 9.29
C ASP A 208 15.87 -3.43 9.23
N HIS A 209 16.27 -2.54 10.15
CA HIS A 209 16.02 -1.09 10.06
C HIS A 209 16.61 -0.50 8.78
N SER A 210 15.89 0.45 8.22
CA SER A 210 16.33 1.33 7.11
C SER A 210 16.94 2.61 7.68
N SER A 211 17.91 3.19 6.98
CA SER A 211 18.47 4.55 7.24
C SER A 211 17.68 5.62 6.52
N VAL A 212 16.73 5.26 5.64
CA VAL A 212 15.93 6.24 4.84
C VAL A 212 14.81 6.76 5.73
N PRO A 213 14.78 8.05 6.14
CA PRO A 213 13.77 8.53 7.09
C PRO A 213 12.30 8.33 6.64
N GLU A 214 12.03 8.25 5.34
CA GLU A 214 10.64 8.15 4.80
C GLU A 214 10.17 6.70 4.78
N ALA A 215 11.07 5.72 4.98
CA ALA A 215 10.76 4.28 4.81
C ALA A 215 9.96 3.77 6.01
N LEU A 216 9.07 2.81 5.80
CA LEU A 216 8.33 2.17 6.91
C LEU A 216 9.35 1.58 7.90
N MET A 217 10.46 1.01 7.42
CA MET A 217 11.38 0.25 8.29
C MET A 217 12.38 1.21 8.97
N TYR A 218 12.29 2.51 8.80
CA TYR A 218 13.03 3.48 9.66
C TYR A 218 12.56 3.29 11.11
N PRO A 219 13.46 3.37 12.11
CA PRO A 219 13.09 2.96 13.46
C PRO A 219 12.15 3.91 14.21
N MET A 220 12.12 5.20 13.87
CA MET A 220 11.30 6.18 14.60
C MET A 220 9.85 6.14 14.12
N TYR A 221 8.91 6.29 15.06
CA TYR A 221 7.46 6.41 14.76
C TYR A 221 7.20 7.72 14.03
N ARG A 222 6.56 7.64 12.87
CA ARG A 222 6.09 8.82 12.11
C ARG A 222 4.63 8.57 11.70
N PHE A 223 3.67 9.37 12.18
CA PHE A 223 2.27 9.20 11.74
C PHE A 223 2.13 9.66 10.28
N THR A 224 1.40 8.90 9.46
CA THR A 224 1.04 9.35 8.09
C THR A 224 -0.37 8.83 7.78
N GLU A 225 -1.09 9.55 6.94
CA GLU A 225 -2.37 9.10 6.34
C GLU A 225 -2.17 8.57 4.92
N GLY A 226 -0.96 8.70 4.35
CA GLY A 226 -0.60 8.18 3.02
C GLY A 226 -0.22 6.68 3.02
N PRO A 227 -0.11 6.07 1.81
CA PRO A 227 0.36 4.69 1.69
C PRO A 227 1.74 4.56 2.36
N PRO A 228 1.91 3.61 3.31
CA PRO A 228 3.11 3.60 4.15
C PRO A 228 4.36 3.00 3.49
N LEU A 229 4.22 2.14 2.47
CA LEU A 229 5.41 1.46 1.85
C LEU A 229 6.19 2.45 0.99
N HIS A 230 7.52 2.38 1.04
N HIS A 230 7.53 2.37 1.06
CA HIS A 230 8.40 3.16 0.14
CA HIS A 230 8.53 3.14 0.26
C HIS A 230 9.26 2.17 -0.66
C HIS A 230 9.26 2.16 -0.66
N LYS A 231 9.88 2.67 -1.73
CA LYS A 231 10.78 1.88 -2.60
C LYS A 231 11.74 1.04 -1.76
N ASP A 232 12.34 1.62 -0.71
CA ASP A 232 13.38 0.95 0.11
C ASP A 232 12.80 -0.32 0.75
N ASP A 233 11.57 -0.25 1.24
CA ASP A 233 10.90 -1.41 1.89
C ASP A 233 10.63 -2.52 0.88
N VAL A 234 10.09 -2.16 -0.27
CA VAL A 234 9.70 -3.12 -1.34
C VAL A 234 10.99 -3.80 -1.85
N ASN A 235 12.04 -3.02 -2.04
CA ASN A 235 13.34 -3.56 -2.51
C ASN A 235 13.95 -4.47 -1.43
N GLY A 236 13.82 -4.10 -0.15
CA GLY A 236 14.33 -4.97 0.94
C GLY A 236 13.70 -6.35 0.85
N ILE A 237 12.38 -6.41 0.62
CA ILE A 237 11.62 -7.69 0.62
C ILE A 237 12.02 -8.51 -0.60
N ARG A 238 12.19 -7.84 -1.73
CA ARG A 238 12.61 -8.41 -3.02
C ARG A 238 13.96 -9.13 -2.89
N HIS A 239 14.90 -8.57 -2.14
CA HIS A 239 16.28 -9.09 -1.93
C HIS A 239 16.28 -10.24 -0.91
N LEU A 240 15.13 -10.56 -0.32
CA LEU A 240 14.97 -11.70 0.64
C LEU A 240 14.30 -12.89 -0.05
N TYR A 241 13.14 -12.70 -0.64
CA TYR A 241 12.23 -13.76 -1.16
C TYR A 241 12.24 -13.69 -2.69
N GLY A 242 12.85 -14.69 -3.33
CA GLY A 242 12.72 -14.95 -4.78
C GLY A 242 11.30 -15.32 -5.16
N ASN B 11 -34.48 1.61 -16.64
CA ASN B 11 -35.79 1.10 -17.17
C ASN B 11 -35.63 0.53 -18.59
N LEU B 12 -34.39 0.27 -19.04
CA LEU B 12 -34.08 -0.64 -20.18
C LEU B 12 -34.47 -2.06 -19.76
N THR B 13 -34.73 -2.95 -20.73
CA THR B 13 -34.90 -4.41 -20.46
C THR B 13 -33.53 -4.99 -20.06
N ASP B 14 -33.56 -6.05 -19.27
CA ASP B 14 -32.41 -6.92 -18.95
C ASP B 14 -31.57 -7.14 -20.21
N ARG B 15 -32.22 -7.51 -21.32
CA ARG B 15 -31.57 -7.83 -22.62
C ARG B 15 -30.89 -6.59 -23.23
N GLN B 16 -31.52 -5.43 -23.11
CA GLN B 16 -30.98 -4.15 -23.67
C GLN B 16 -29.71 -3.74 -22.92
N LEU B 17 -29.76 -3.73 -21.59
CA LEU B 17 -28.59 -3.47 -20.71
C LEU B 17 -27.46 -4.41 -21.10
N ALA B 18 -27.78 -5.71 -21.25
CA ALA B 18 -26.78 -6.76 -21.56
C ALA B 18 -26.10 -6.42 -22.89
N GLU B 19 -26.88 -6.19 -23.95
CA GLU B 19 -26.36 -5.90 -25.31
C GLU B 19 -25.49 -4.62 -25.29
N GLU B 20 -25.88 -3.58 -24.55
CA GLU B 20 -25.05 -2.34 -24.45
C GLU B 20 -23.73 -2.62 -23.70
N TYR B 21 -23.79 -3.36 -22.58
CA TYR B 21 -22.62 -3.66 -21.70
C TYR B 21 -21.63 -4.55 -22.49
N LEU B 22 -22.12 -5.63 -23.11
CA LEU B 22 -21.28 -6.55 -23.91
C LEU B 22 -20.62 -5.78 -25.05
N TYR B 23 -21.34 -4.85 -25.68
CA TYR B 23 -20.79 -4.09 -26.83
C TYR B 23 -19.72 -3.12 -26.33
N ARG B 24 -20.10 -2.24 -25.39
CA ARG B 24 -19.20 -1.17 -24.87
C ARG B 24 -17.84 -1.72 -24.41
N TYR B 25 -17.84 -2.84 -23.67
CA TYR B 25 -16.62 -3.32 -22.95
C TYR B 25 -15.88 -4.37 -23.76
N GLY B 26 -16.35 -4.68 -24.98
CA GLY B 26 -15.51 -5.34 -26.01
C GLY B 26 -15.80 -6.82 -26.20
N TYR B 27 -16.81 -7.35 -25.53
CA TYR B 27 -17.12 -8.80 -25.52
C TYR B 27 -17.75 -9.21 -26.88
N THR B 28 -18.65 -8.39 -27.42
CA THR B 28 -19.26 -8.59 -28.77
C THR B 28 -18.17 -8.67 -29.86
N ARG B 29 -17.28 -7.69 -29.96
CA ARG B 29 -16.20 -7.66 -30.98
C ARG B 29 -15.42 -8.99 -30.94
N VAL B 30 -15.07 -9.46 -29.74
CA VAL B 30 -14.26 -10.71 -29.57
C VAL B 30 -15.09 -11.91 -30.03
N ALA B 31 -16.33 -12.07 -29.56
CA ALA B 31 -17.24 -13.15 -30.03
C ALA B 31 -17.24 -13.17 -31.57
N GLU B 32 -17.46 -11.99 -32.17
CA GLU B 32 -17.50 -11.78 -33.66
C GLU B 32 -16.20 -12.29 -34.30
N MET B 33 -15.04 -11.81 -33.85
CA MET B 33 -13.71 -12.23 -34.39
C MET B 33 -13.56 -13.77 -34.38
N ARG B 34 -14.27 -14.48 -33.51
CA ARG B 34 -14.16 -15.96 -33.32
C ARG B 34 -15.33 -16.67 -33.99
N GLY B 35 -16.14 -15.94 -34.77
CA GLY B 35 -17.34 -16.44 -35.48
C GLY B 35 -18.34 -17.10 -34.55
N GLU B 36 -18.64 -16.49 -33.40
CA GLU B 36 -19.54 -17.05 -32.34
C GLU B 36 -20.65 -16.05 -32.01
N SER B 37 -21.58 -15.82 -32.95
CA SER B 37 -22.62 -14.75 -32.89
C SER B 37 -24.05 -15.33 -33.02
N LYS B 38 -24.23 -16.66 -32.97
CA LYS B 38 -25.56 -17.31 -33.09
C LYS B 38 -26.50 -16.78 -32.00
N SER B 39 -25.94 -16.41 -30.84
CA SER B 39 -26.67 -15.84 -29.67
C SER B 39 -25.70 -15.08 -28.74
N LEU B 40 -26.23 -14.54 -27.63
CA LEU B 40 -25.51 -13.84 -26.52
C LEU B 40 -24.62 -14.80 -25.72
N GLY B 41 -24.91 -16.11 -25.73
CA GLY B 41 -24.25 -17.18 -24.92
C GLY B 41 -22.73 -17.04 -24.86
N PRO B 42 -22.00 -17.15 -26.00
CA PRO B 42 -20.54 -17.06 -25.99
C PRO B 42 -19.97 -15.73 -25.46
N ALA B 43 -20.55 -14.57 -25.81
CA ALA B 43 -20.12 -13.25 -25.30
C ALA B 43 -20.33 -13.19 -23.77
N LEU B 44 -21.44 -13.71 -23.27
CA LEU B 44 -21.74 -13.79 -21.81
C LEU B 44 -20.69 -14.65 -21.08
N LEU B 45 -20.32 -15.81 -21.63
CA LEU B 45 -19.25 -16.67 -21.05
C LEU B 45 -17.92 -15.91 -21.06
N LEU B 46 -17.59 -15.15 -22.12
CA LEU B 46 -16.35 -14.33 -22.10
C LEU B 46 -16.44 -13.38 -20.91
N LEU B 47 -17.59 -12.74 -20.67
CA LEU B 47 -17.77 -11.74 -19.57
C LEU B 47 -17.66 -12.43 -18.20
N GLN B 48 -18.30 -13.59 -18.02
CA GLN B 48 -18.27 -14.35 -16.73
C GLN B 48 -16.82 -14.77 -16.40
N LYS B 49 -16.07 -15.22 -17.41
CA LYS B 49 -14.63 -15.58 -17.28
C LYS B 49 -13.82 -14.32 -16.90
N GLN B 50 -13.99 -13.22 -17.64
CA GLN B 50 -13.16 -11.99 -17.47
C GLN B 50 -13.46 -11.28 -16.13
N LEU B 51 -14.67 -11.40 -15.57
CA LEU B 51 -15.09 -10.78 -14.28
C LEU B 51 -15.12 -11.80 -13.11
N SER B 52 -14.72 -13.06 -13.34
CA SER B 52 -14.70 -14.18 -12.33
C SER B 52 -16.10 -14.35 -11.72
N LEU B 53 -17.13 -14.42 -12.56
CA LEU B 53 -18.53 -14.75 -12.16
C LEU B 53 -18.76 -16.24 -12.47
N PRO B 54 -19.79 -16.88 -11.87
CA PRO B 54 -20.15 -18.24 -12.26
C PRO B 54 -20.40 -18.31 -13.77
N GLU B 55 -19.75 -19.25 -14.45
CA GLU B 55 -19.72 -19.38 -15.93
C GLU B 55 -20.95 -20.18 -16.41
N THR B 56 -22.14 -19.57 -16.30
CA THR B 56 -23.46 -20.17 -16.60
C THR B 56 -23.86 -19.94 -18.07
N GLY B 57 -23.25 -18.96 -18.73
CA GLY B 57 -23.56 -18.60 -20.13
C GLY B 57 -24.94 -17.97 -20.26
N GLU B 58 -25.58 -17.63 -19.14
CA GLU B 58 -26.97 -17.09 -19.08
C GLU B 58 -26.97 -15.70 -18.42
N LEU B 59 -28.06 -14.94 -18.63
CA LEU B 59 -28.30 -13.61 -18.04
C LEU B 59 -29.01 -13.75 -16.69
N ASP B 60 -28.33 -14.33 -15.70
CA ASP B 60 -28.85 -14.65 -14.35
C ASP B 60 -28.57 -13.49 -13.38
N SER B 61 -28.96 -13.66 -12.11
CA SER B 61 -28.87 -12.63 -11.03
C SER B 61 -27.44 -12.09 -10.88
N ALA B 62 -26.45 -12.98 -10.85
CA ALA B 62 -25.02 -12.65 -10.61
C ALA B 62 -24.54 -11.72 -11.73
N THR B 63 -24.84 -12.08 -12.98
CA THR B 63 -24.44 -11.35 -14.21
C THR B 63 -25.14 -9.98 -14.24
N LEU B 64 -26.43 -9.90 -13.91
CA LEU B 64 -27.18 -8.62 -13.95
C LEU B 64 -26.65 -7.66 -12.87
N LYS B 65 -26.40 -8.14 -11.65
CA LYS B 65 -25.77 -7.37 -10.54
C LYS B 65 -24.45 -6.76 -11.05
N ALA B 66 -23.61 -7.58 -11.69
CA ALA B 66 -22.30 -7.18 -12.25
C ALA B 66 -22.50 -6.04 -13.26
N MET B 67 -23.46 -6.21 -14.17
CA MET B 67 -23.71 -5.21 -15.24
C MET B 67 -24.26 -3.89 -14.66
N ARG B 68 -24.96 -3.91 -13.53
CA ARG B 68 -25.51 -2.68 -12.88
C ARG B 68 -24.47 -2.01 -11.94
N THR B 69 -23.31 -2.62 -11.71
CA THR B 69 -22.29 -2.05 -10.78
C THR B 69 -21.54 -0.92 -11.50
N PRO B 70 -21.43 0.28 -10.86
CA PRO B 70 -20.59 1.38 -11.35
C PRO B 70 -19.18 0.87 -11.57
N ARG B 71 -18.53 1.35 -12.62
CA ARG B 71 -17.25 0.78 -13.09
C ARG B 71 -16.43 1.78 -13.91
N CYS B 72 -15.21 1.36 -14.24
CA CYS B 72 -14.27 2.01 -15.16
C CYS B 72 -14.81 1.95 -16.60
N GLY B 73 -14.68 3.05 -17.35
CA GLY B 73 -15.11 3.13 -18.75
C GLY B 73 -14.15 2.49 -19.75
N VAL B 74 -12.95 2.10 -19.36
CA VAL B 74 -11.96 1.45 -20.27
C VAL B 74 -12.48 0.06 -20.63
N PRO B 75 -12.39 -0.38 -21.91
CA PRO B 75 -12.80 -1.74 -22.29
C PRO B 75 -12.01 -2.87 -21.61
N ASP B 76 -12.68 -4.01 -21.46
CA ASP B 76 -12.13 -5.23 -20.82
C ASP B 76 -11.33 -6.04 -21.86
N LEU B 77 -11.84 -6.17 -23.06
CA LEU B 77 -11.22 -6.90 -24.20
C LEU B 77 -11.03 -5.87 -25.32
N GLY B 78 -9.86 -5.81 -25.92
CA GLY B 78 -9.50 -4.77 -26.90
C GLY B 78 -9.36 -3.41 -26.23
N ARG B 79 -9.43 -2.34 -27.02
CA ARG B 79 -8.94 -0.99 -26.62
C ARG B 79 -9.88 0.03 -27.24
N PHE B 80 -9.91 1.26 -26.73
CA PHE B 80 -10.77 2.32 -27.32
C PHE B 80 -10.50 2.48 -28.83
N GLN B 81 -9.24 2.37 -29.24
CA GLN B 81 -8.80 2.67 -30.62
C GLN B 81 -7.40 2.13 -30.80
N THR B 82 -6.82 2.31 -31.99
CA THR B 82 -5.36 2.17 -32.20
C THR B 82 -4.63 3.32 -31.51
N PHE B 83 -3.63 2.99 -30.70
CA PHE B 83 -2.74 3.98 -30.05
C PHE B 83 -1.34 3.96 -30.68
N GLU B 84 -0.51 4.96 -30.38
CA GLU B 84 0.89 5.08 -30.87
C GLU B 84 1.86 4.43 -29.87
N GLY B 85 2.88 3.75 -30.39
CA GLY B 85 4.01 3.24 -29.61
C GLY B 85 3.72 1.92 -28.94
N ASP B 86 4.62 1.47 -28.06
CA ASP B 86 4.51 0.15 -27.38
C ASP B 86 3.75 0.26 -26.03
N LEU B 87 3.15 1.40 -25.67
CA LEU B 87 2.22 1.51 -24.50
C LEU B 87 2.94 1.21 -23.18
N LYS B 88 4.22 1.55 -23.08
CA LYS B 88 4.91 1.76 -21.77
C LYS B 88 5.72 3.06 -21.84
N TRP B 89 5.98 3.68 -20.69
CA TRP B 89 6.85 4.87 -20.58
C TRP B 89 8.31 4.46 -20.80
N HIS B 90 9.10 5.34 -21.43
CA HIS B 90 10.52 5.11 -21.76
C HIS B 90 11.41 6.17 -21.09
N HIS B 91 10.92 6.79 -20.01
CA HIS B 91 11.69 7.71 -19.12
C HIS B 91 11.19 7.44 -17.68
N HIS B 92 11.95 7.85 -16.67
CA HIS B 92 11.71 7.46 -15.25
C HIS B 92 10.89 8.51 -14.51
N ASN B 93 11.01 9.80 -14.87
CA ASN B 93 10.32 10.87 -14.11
C ASN B 93 9.04 11.25 -14.86
N ILE B 94 7.90 10.75 -14.39
CA ILE B 94 6.59 10.96 -15.06
C ILE B 94 5.95 12.20 -14.44
N THR B 95 5.55 13.17 -15.27
CA THR B 95 5.00 14.45 -14.77
C THR B 95 3.49 14.38 -14.91
N TYR B 96 2.79 15.05 -14.02
CA TYR B 96 1.31 15.11 -14.06
C TYR B 96 0.82 16.52 -13.79
N TRP B 97 -0.23 16.93 -14.53
CA TRP B 97 -0.91 18.25 -14.42
C TRP B 97 -2.39 18.07 -14.06
N ILE B 98 -2.82 18.64 -12.94
CA ILE B 98 -4.27 18.76 -12.60
C ILE B 98 -4.82 19.98 -13.36
N GLN B 99 -5.49 19.72 -14.48
CA GLN B 99 -5.92 20.72 -15.48
C GLN B 99 -7.10 21.53 -14.92
N ASN B 100 -7.96 20.90 -14.13
CA ASN B 100 -9.16 21.56 -13.55
C ASN B 100 -9.62 20.79 -12.32
N TYR B 101 -10.66 21.30 -11.64
CA TYR B 101 -11.06 20.75 -10.33
C TYR B 101 -12.58 20.61 -10.28
N SER B 102 -13.05 19.52 -9.69
CA SER B 102 -14.46 19.37 -9.22
C SER B 102 -14.67 20.34 -8.05
N GLU B 103 -15.89 20.85 -7.88
CA GLU B 103 -16.28 21.65 -6.68
C GLU B 103 -16.75 20.73 -5.54
N ASP B 104 -16.72 19.40 -5.73
CA ASP B 104 -17.22 18.44 -4.71
C ASP B 104 -16.34 18.44 -3.46
N LEU B 105 -15.05 18.75 -3.60
CA LEU B 105 -14.05 18.64 -2.51
C LEU B 105 -13.18 19.88 -2.57
N PRO B 106 -12.57 20.30 -1.43
CA PRO B 106 -11.56 21.36 -1.45
C PRO B 106 -10.40 20.98 -2.38
N ARG B 107 -9.82 21.98 -3.06
CA ARG B 107 -8.67 21.76 -3.97
C ARG B 107 -7.55 20.95 -3.27
N ALA B 108 -7.21 21.26 -2.01
CA ALA B 108 -6.10 20.62 -1.26
C ALA B 108 -6.39 19.13 -1.00
N VAL B 109 -7.66 18.77 -0.78
CA VAL B 109 -8.12 17.37 -0.61
C VAL B 109 -7.96 16.60 -1.93
N ILE B 110 -8.37 17.19 -3.06
CA ILE B 110 -8.23 16.58 -4.42
C ILE B 110 -6.73 16.38 -4.69
N ASP B 111 -5.89 17.40 -4.44
CA ASP B 111 -4.43 17.35 -4.68
C ASP B 111 -3.85 16.16 -3.90
N ASP B 112 -4.25 16.04 -2.64
CA ASP B 112 -3.70 15.01 -1.72
C ASP B 112 -4.20 13.61 -2.16
N ALA B 113 -5.45 13.50 -2.61
CA ALA B 113 -5.98 12.20 -3.11
C ALA B 113 -5.09 11.72 -4.28
N PHE B 114 -4.79 12.60 -5.22
CA PHE B 114 -3.95 12.25 -6.40
C PHE B 114 -2.52 11.92 -5.97
N ALA B 115 -1.92 12.68 -5.06
CA ALA B 115 -0.54 12.41 -4.60
C ALA B 115 -0.48 11.01 -3.95
N ARG B 116 -1.44 10.67 -3.10
CA ARG B 116 -1.50 9.36 -2.39
C ARG B 116 -1.67 8.24 -3.43
N ALA B 117 -2.48 8.44 -4.46
CA ALA B 117 -2.67 7.40 -5.51
C ALA B 117 -1.34 7.17 -6.26
N PHE B 118 -0.59 8.24 -6.58
CA PHE B 118 0.77 8.09 -7.20
C PHE B 118 1.74 7.38 -6.24
N ALA B 119 1.73 7.69 -4.94
CA ALA B 119 2.63 7.10 -3.92
C ALA B 119 2.47 5.55 -3.87
N LEU B 120 1.26 5.03 -4.14
CA LEU B 120 0.98 3.57 -4.28
C LEU B 120 1.89 2.96 -5.38
N TRP B 121 1.93 3.58 -6.56
CA TRP B 121 2.66 3.03 -7.75
C TRP B 121 4.16 3.31 -7.63
N SER B 122 4.54 4.44 -7.03
CA SER B 122 5.96 4.84 -6.87
C SER B 122 6.76 3.75 -6.14
N ALA B 123 6.17 3.17 -5.10
CA ALA B 123 6.87 2.20 -4.23
C ALA B 123 7.19 0.90 -5.01
N VAL B 124 6.41 0.49 -6.01
CA VAL B 124 6.56 -0.85 -6.66
C VAL B 124 7.04 -0.71 -8.10
N THR B 125 7.45 0.48 -8.54
CA THR B 125 8.00 0.70 -9.92
C THR B 125 9.32 1.46 -9.85
N PRO B 126 10.14 1.45 -10.92
CA PRO B 126 11.29 2.35 -11.01
C PRO B 126 10.95 3.79 -11.45
N LEU B 127 9.69 4.20 -11.31
CA LEU B 127 9.24 5.55 -11.74
C LEU B 127 9.10 6.46 -10.53
N THR B 128 9.23 7.75 -10.80
CA THR B 128 8.89 8.85 -9.87
C THR B 128 7.82 9.70 -10.54
N PHE B 129 6.91 10.24 -9.73
CA PHE B 129 5.79 11.09 -10.20
C PHE B 129 6.01 12.49 -9.64
N THR B 130 6.06 13.50 -10.51
CA THR B 130 6.27 14.92 -10.14
C THR B 130 5.05 15.73 -10.58
N ARG B 131 4.35 16.39 -9.65
CA ARG B 131 3.27 17.32 -10.00
C ARG B 131 3.89 18.53 -10.71
N VAL B 132 3.32 18.95 -11.83
CA VAL B 132 3.75 20.20 -12.52
C VAL B 132 2.49 21.04 -12.77
N TYR B 133 2.67 22.27 -13.26
CA TYR B 133 1.59 23.29 -13.27
C TYR B 133 1.38 23.87 -14.67
N SER B 134 1.69 23.13 -15.72
CA SER B 134 1.40 23.49 -17.13
C SER B 134 1.19 22.25 -18.00
N ARG B 135 0.74 22.52 -19.24
CA ARG B 135 0.45 21.56 -20.32
C ARG B 135 1.68 20.69 -20.63
N ASP B 136 2.89 21.14 -20.33
CA ASP B 136 4.10 20.28 -20.53
C ASP B 136 4.05 19.21 -19.43
N ALA B 137 3.30 18.15 -19.68
CA ALA B 137 3.09 17.07 -18.69
C ALA B 137 2.79 15.76 -19.42
N ASP B 138 3.23 14.64 -18.84
CA ASP B 138 2.91 13.28 -19.36
C ASP B 138 1.43 12.95 -19.10
N ILE B 139 1.02 13.05 -17.85
CA ILE B 139 -0.35 12.64 -17.42
C ILE B 139 -1.19 13.89 -17.19
N VAL B 140 -2.14 14.20 -18.07
CA VAL B 140 -3.08 15.33 -17.86
C VAL B 140 -4.34 14.78 -17.18
N ILE B 141 -4.71 15.40 -16.07
CA ILE B 141 -5.89 14.99 -15.25
C ILE B 141 -7.01 16.01 -15.45
N GLN B 142 -8.22 15.55 -15.80
CA GLN B 142 -9.37 16.40 -16.18
C GLN B 142 -10.62 15.89 -15.45
N PHE B 143 -11.42 16.79 -14.92
CA PHE B 143 -12.84 16.52 -14.54
C PHE B 143 -13.76 17.00 -15.67
N GLY B 144 -14.67 16.15 -16.15
CA GLY B 144 -15.58 16.48 -17.26
C GLY B 144 -16.94 15.86 -17.11
N VAL B 145 -17.94 16.36 -17.85
CA VAL B 145 -19.31 15.74 -17.92
C VAL B 145 -19.65 15.49 -19.39
N ALA B 146 -20.43 14.43 -19.65
CA ALA B 146 -20.99 14.12 -20.98
C ALA B 146 -19.88 14.23 -22.04
N GLU B 147 -20.10 14.98 -23.14
CA GLU B 147 -19.03 15.14 -24.17
C GLU B 147 -18.01 16.14 -23.64
N HIS B 148 -16.76 15.74 -23.37
CA HIS B 148 -15.75 16.53 -22.62
C HIS B 148 -14.47 16.68 -23.47
N GLY B 149 -14.59 16.47 -24.78
CA GLY B 149 -13.60 16.87 -25.79
C GLY B 149 -12.73 15.76 -26.34
N ASP B 150 -12.96 14.47 -26.02
CA ASP B 150 -12.10 13.39 -26.57
C ASP B 150 -12.92 12.41 -27.41
N GLY B 151 -14.23 12.60 -27.52
CA GLY B 151 -15.14 11.73 -28.28
C GLY B 151 -15.43 10.41 -27.60
N TYR B 152 -15.14 10.27 -26.30
CA TYR B 152 -15.50 9.11 -25.45
C TYR B 152 -16.37 9.65 -24.31
N PRO B 153 -17.64 10.01 -24.57
CA PRO B 153 -18.43 10.77 -23.59
C PRO B 153 -18.82 9.98 -22.34
N PHE B 154 -18.93 10.69 -21.22
CA PHE B 154 -19.45 10.15 -19.93
C PHE B 154 -20.98 10.10 -20.01
N ASP B 155 -21.63 9.48 -19.03
CA ASP B 155 -23.02 8.96 -19.13
C ASP B 155 -23.88 9.53 -18.00
N GLY B 156 -23.47 10.60 -17.34
CA GLY B 156 -24.23 11.14 -16.19
C GLY B 156 -24.05 10.28 -14.93
N LYS B 157 -25.01 10.36 -14.02
CA LYS B 157 -24.89 9.78 -12.67
C LYS B 157 -24.73 8.25 -12.76
N ASP B 158 -23.76 7.70 -12.01
CA ASP B 158 -23.46 6.25 -11.93
C ASP B 158 -22.96 5.72 -13.28
N GLY B 159 -23.10 4.41 -13.55
CA GLY B 159 -22.51 3.73 -14.71
C GLY B 159 -20.98 3.93 -14.74
N LEU B 160 -20.47 4.60 -15.76
CA LEU B 160 -19.02 4.90 -16.00
C LEU B 160 -18.59 5.92 -14.96
N LEU B 161 -17.48 5.73 -14.25
CA LEU B 161 -16.99 6.73 -13.25
C LEU B 161 -15.86 7.59 -13.82
N ALA B 162 -15.06 7.03 -14.71
CA ALA B 162 -13.75 7.56 -15.11
C ALA B 162 -13.18 6.71 -16.23
N HIS B 163 -12.14 7.22 -16.90
CA HIS B 163 -11.35 6.42 -17.86
C HIS B 163 -9.96 7.02 -18.03
N ALA B 164 -9.05 6.29 -18.68
CA ALA B 164 -7.65 6.68 -18.83
C ALA B 164 -7.08 6.01 -20.08
N PHE B 165 -5.95 6.53 -20.55
CA PHE B 165 -5.31 6.11 -21.83
C PHE B 165 -3.90 5.60 -21.56
N PRO B 166 -3.43 4.59 -22.33
CA PRO B 166 -2.13 3.98 -22.07
C PRO B 166 -0.99 4.96 -22.37
N PRO B 167 0.23 4.73 -21.82
CA PRO B 167 1.40 5.57 -22.07
C PRO B 167 1.68 5.91 -23.55
N GLY B 168 2.18 7.13 -23.75
CA GLY B 168 2.50 7.67 -25.07
C GLY B 168 2.21 9.18 -25.16
N PRO B 169 2.25 9.75 -26.38
CA PRO B 169 2.13 11.20 -26.53
C PRO B 169 0.67 11.69 -26.55
N GLY B 170 0.47 12.99 -26.31
CA GLY B 170 -0.86 13.62 -26.40
C GLY B 170 -1.82 13.05 -25.37
N ILE B 171 -2.98 12.59 -25.81
CA ILE B 171 -4.06 12.08 -24.92
C ILE B 171 -3.55 10.83 -24.20
N GLN B 172 -2.54 10.16 -24.76
CA GLN B 172 -1.98 8.95 -24.14
C GLN B 172 -1.41 9.32 -22.76
N GLY B 173 -1.61 8.43 -21.78
CA GLY B 173 -1.23 8.67 -20.36
C GLY B 173 -2.25 9.51 -19.58
N ASP B 174 -3.27 10.10 -20.19
CA ASP B 174 -4.18 11.05 -19.47
C ASP B 174 -5.27 10.29 -18.70
N ALA B 175 -5.88 10.97 -17.74
CA ALA B 175 -6.87 10.38 -16.85
C ALA B 175 -8.02 11.37 -16.66
N HIS B 176 -9.26 10.92 -16.94
CA HIS B 176 -10.49 11.75 -16.85
C HIS B 176 -11.49 11.19 -15.82
N PHE B 177 -12.16 12.08 -15.07
CA PHE B 177 -13.10 11.75 -13.96
C PHE B 177 -14.46 12.39 -14.32
N ASP B 178 -15.51 11.58 -14.28
CA ASP B 178 -16.92 11.96 -14.56
C ASP B 178 -17.44 12.84 -13.41
N ASP B 179 -17.60 14.14 -13.64
CA ASP B 179 -18.02 15.06 -12.53
C ASP B 179 -19.55 15.07 -12.40
N ASP B 180 -20.30 14.24 -13.13
CA ASP B 180 -21.73 13.97 -12.74
C ASP B 180 -21.79 12.98 -11.55
N GLU B 181 -20.66 12.40 -11.14
CA GLU B 181 -20.57 11.66 -9.85
C GLU B 181 -20.31 12.65 -8.71
N LEU B 182 -20.74 12.30 -7.49
CA LEU B 182 -20.28 12.95 -6.24
C LEU B 182 -18.93 12.35 -5.84
N TRP B 183 -17.86 13.14 -5.88
CA TRP B 183 -16.50 12.72 -5.43
C TRP B 183 -16.32 13.02 -3.95
N SER B 184 -15.89 12.02 -3.19
CA SER B 184 -15.53 12.14 -1.76
C SER B 184 -14.33 11.25 -1.45
N LEU B 185 -14.09 10.94 -0.18
CA LEU B 185 -13.09 9.87 0.13
C LEU B 185 -13.83 8.57 0.45
N GLY B 186 -15.09 8.44 -0.02
CA GLY B 186 -15.82 7.17 -0.17
C GLY B 186 -16.60 6.75 1.07
N LYS B 187 -16.27 7.22 2.28
CA LYS B 187 -16.74 6.56 3.55
C LYS B 187 -18.15 7.04 3.91
N GLY B 188 -19.16 6.26 3.55
CA GLY B 188 -20.56 6.61 3.81
C GLY B 188 -21.01 7.86 3.06
N GLN B 189 -20.42 8.16 1.89
CA GLN B 189 -21.04 9.05 0.84
C GLN B 189 -20.13 9.18 -0.41
N GLY B 190 -20.70 9.20 -1.61
CA GLY B 190 -19.95 9.44 -2.86
C GLY B 190 -18.91 8.36 -3.15
N TYR B 191 -18.27 8.46 -4.31
CA TYR B 191 -17.19 7.56 -4.78
C TYR B 191 -15.82 8.10 -4.31
N SER B 192 -14.95 7.23 -3.81
CA SER B 192 -13.59 7.58 -3.35
C SER B 192 -12.75 8.04 -4.54
N LEU B 193 -12.37 9.32 -4.55
CA LEU B 193 -11.53 9.88 -5.65
C LEU B 193 -10.15 9.21 -5.55
N PHE B 194 -9.71 8.84 -4.33
CA PHE B 194 -8.40 8.17 -4.10
C PHE B 194 -8.39 6.81 -4.82
N LEU B 195 -9.39 5.97 -4.57
CA LEU B 195 -9.41 4.57 -5.11
C LEU B 195 -9.61 4.62 -6.64
N VAL B 196 -10.50 5.47 -7.11
CA VAL B 196 -10.75 5.52 -8.59
C VAL B 196 -9.48 6.06 -9.27
N ALA B 197 -8.85 7.10 -8.71
CA ALA B 197 -7.61 7.66 -9.30
C ALA B 197 -6.52 6.58 -9.30
N ALA B 198 -6.37 5.79 -8.22
CA ALA B 198 -5.28 4.79 -8.16
C ALA B 198 -5.47 3.78 -9.31
N HIS B 199 -6.72 3.38 -9.56
CA HIS B 199 -7.09 2.46 -10.67
C HIS B 199 -6.75 3.10 -12.04
N GLU B 200 -7.22 4.32 -12.27
CA GLU B 200 -7.01 5.04 -13.57
C GLU B 200 -5.49 5.23 -13.83
N PHE B 201 -4.70 5.55 -12.82
CA PHE B 201 -3.24 5.75 -12.99
C PHE B 201 -2.54 4.43 -13.33
N GLY B 202 -3.09 3.28 -12.91
CA GLY B 202 -2.69 1.95 -13.42
C GLY B 202 -2.74 1.88 -14.95
N HIS B 203 -3.83 2.33 -15.56
CA HIS B 203 -3.97 2.38 -17.04
C HIS B 203 -2.91 3.34 -17.60
N ALA B 204 -2.69 4.50 -16.94
CA ALA B 204 -1.74 5.54 -17.41
C ALA B 204 -0.30 5.02 -17.39
N LEU B 205 0.00 3.92 -16.67
CA LEU B 205 1.34 3.28 -16.67
C LEU B 205 1.41 2.09 -17.63
N GLY B 206 0.28 1.69 -18.19
CA GLY B 206 0.22 0.61 -19.20
C GLY B 206 -0.46 -0.68 -18.72
N LEU B 207 -1.17 -0.70 -17.57
CA LEU B 207 -1.91 -1.92 -17.13
C LEU B 207 -3.29 -2.03 -17.78
N ASP B 208 -3.73 -3.27 -17.97
CA ASP B 208 -5.10 -3.63 -18.41
C ASP B 208 -5.92 -4.10 -17.19
N HIS B 209 -7.22 -4.35 -17.38
CA HIS B 209 -8.11 -4.84 -16.29
C HIS B 209 -7.68 -6.23 -15.82
N SER B 210 -7.76 -6.47 -14.52
CA SER B 210 -7.61 -7.78 -13.82
C SER B 210 -8.95 -8.52 -13.80
N SER B 211 -8.89 -9.87 -13.85
CA SER B 211 -9.99 -10.83 -13.54
C SER B 211 -10.17 -11.08 -12.05
N VAL B 212 -9.24 -10.61 -11.22
CA VAL B 212 -9.25 -10.88 -9.76
C VAL B 212 -10.13 -9.83 -9.08
N PRO B 213 -11.31 -10.19 -8.52
CA PRO B 213 -12.22 -9.23 -7.91
C PRO B 213 -11.62 -8.38 -6.79
N GLU B 214 -10.62 -8.88 -6.09
CA GLU B 214 -9.97 -8.11 -4.98
C GLU B 214 -8.90 -7.13 -5.53
N ALA B 215 -8.42 -7.26 -6.76
CA ALA B 215 -7.27 -6.47 -7.27
C ALA B 215 -7.70 -5.02 -7.58
N LEU B 216 -6.80 -4.04 -7.38
CA LEU B 216 -7.09 -2.63 -7.71
C LEU B 216 -7.53 -2.50 -9.19
N MET B 217 -6.93 -3.27 -10.11
CA MET B 217 -7.20 -3.11 -11.57
C MET B 217 -8.45 -3.91 -11.99
N TYR B 218 -9.19 -4.52 -11.06
CA TYR B 218 -10.57 -5.04 -11.35
C TYR B 218 -11.42 -3.85 -11.74
N PRO B 219 -12.25 -3.95 -12.81
CA PRO B 219 -12.93 -2.77 -13.35
C PRO B 219 -14.06 -2.20 -12.48
N MET B 220 -14.66 -3.01 -11.61
CA MET B 220 -15.86 -2.55 -10.83
C MET B 220 -15.41 -1.71 -9.64
N TYR B 221 -16.13 -0.63 -9.32
CA TYR B 221 -15.90 0.15 -8.08
C TYR B 221 -16.12 -0.75 -6.85
N ARG B 222 -15.15 -0.74 -5.94
CA ARG B 222 -15.23 -1.47 -4.64
C ARG B 222 -14.65 -0.55 -3.58
N PHE B 223 -15.49 0.03 -2.70
CA PHE B 223 -14.97 0.85 -1.58
C PHE B 223 -14.20 -0.05 -0.60
N THR B 224 -13.03 0.39 -0.13
CA THR B 224 -12.26 -0.31 0.94
C THR B 224 -11.53 0.74 1.78
N GLU B 225 -11.31 0.45 3.05
CA GLU B 225 -10.45 1.30 3.92
C GLU B 225 -9.05 0.66 4.04
N GLY B 226 -8.86 -0.54 3.49
CA GLY B 226 -7.56 -1.25 3.54
C GLY B 226 -6.62 -0.86 2.41
N PRO B 227 -5.36 -1.35 2.47
CA PRO B 227 -4.37 -1.12 1.40
C PRO B 227 -4.87 -1.65 0.07
N PRO B 228 -4.97 -0.80 -0.97
CA PRO B 228 -5.65 -1.18 -2.20
C PRO B 228 -4.91 -2.13 -3.16
N LEU B 229 -3.58 -2.11 -3.15
CA LEU B 229 -2.78 -2.99 -4.06
C LEU B 229 -2.88 -4.47 -3.70
N HIS B 230 -2.96 -5.34 -4.70
N HIS B 230 -2.99 -5.33 -4.73
CA HIS B 230 -2.96 -6.81 -4.53
CA HIS B 230 -3.02 -6.82 -4.69
C HIS B 230 -1.80 -7.40 -5.38
C HIS B 230 -1.75 -7.38 -5.36
N LYS B 231 -1.39 -8.64 -5.09
CA LYS B 231 -0.31 -9.35 -5.82
C LYS B 231 -0.49 -9.24 -7.33
N ASP B 232 -1.72 -9.35 -7.84
CA ASP B 232 -2.00 -9.36 -9.30
C ASP B 232 -1.60 -8.01 -9.90
N ASP B 233 -1.84 -6.91 -9.18
CA ASP B 233 -1.43 -5.54 -9.60
C ASP B 233 0.10 -5.42 -9.66
N VAL B 234 0.80 -5.88 -8.64
CA VAL B 234 2.29 -5.79 -8.57
C VAL B 234 2.90 -6.73 -9.64
N ASN B 235 2.35 -7.91 -9.84
CA ASN B 235 2.83 -8.82 -10.92
C ASN B 235 2.68 -8.12 -12.29
N GLY B 236 1.53 -7.50 -12.53
CA GLY B 236 1.25 -6.75 -13.78
C GLY B 236 2.28 -5.66 -14.02
N ILE B 237 2.60 -4.86 -12.99
CA ILE B 237 3.46 -3.67 -13.20
C ILE B 237 4.91 -4.16 -13.35
N ARG B 238 5.29 -5.25 -12.67
CA ARG B 238 6.64 -5.85 -12.78
C ARG B 238 6.84 -6.47 -14.18
N HIS B 239 5.81 -7.05 -14.77
CA HIS B 239 5.90 -7.57 -16.14
C HIS B 239 6.32 -6.43 -17.09
N LEU B 240 5.90 -5.18 -16.84
CA LEU B 240 6.16 -4.03 -17.74
C LEU B 240 7.50 -3.36 -17.42
N TYR B 241 7.76 -3.06 -16.17
CA TYR B 241 8.93 -2.25 -15.74
C TYR B 241 10.00 -3.08 -15.02
N GLY B 242 9.80 -4.38 -14.76
CA GLY B 242 10.80 -5.29 -14.14
C GLY B 242 10.68 -5.34 -12.63
#